data_1P5L
#
_entry.id   1P5L
#
_entity_poly.entity_id   1
_entity_poly.type   'polypeptide(L)'
_entity_poly.pdbx_seq_one_letter_code
;AKKVSKRLEKLFSKIQNDK(NH2)
;
_entity_poly.pdbx_strand_id   A
#
# COMPACT_ATOMS: atom_id res chain seq x y z
N ALA A 1 -13.91 10.61 2.35
CA ALA A 1 -12.43 10.59 2.17
C ALA A 1 -11.99 9.35 1.40
N LYS A 2 -11.43 9.56 0.22
CA LYS A 2 -10.96 8.46 -0.61
C LYS A 2 -9.45 8.28 -0.48
N LYS A 3 -8.93 8.59 0.70
CA LYS A 3 -7.50 8.46 0.96
C LYS A 3 -7.18 7.15 1.64
N VAL A 4 -8.14 6.22 1.67
CA VAL A 4 -7.90 4.91 2.26
C VAL A 4 -6.71 4.28 1.55
N SER A 5 -6.42 4.83 0.37
CA SER A 5 -5.32 4.40 -0.47
C SER A 5 -4.07 4.14 0.37
N LYS A 6 -3.94 4.89 1.44
CA LYS A 6 -2.81 4.74 2.35
C LYS A 6 -2.78 3.34 2.93
N ARG A 7 -3.92 2.88 3.43
CA ARG A 7 -4.02 1.54 3.99
C ARG A 7 -3.72 0.52 2.90
N LEU A 8 -4.25 0.78 1.70
CA LEU A 8 -4.03 -0.09 0.57
C LEU A 8 -2.55 -0.09 0.21
N GLU A 9 -1.95 1.11 0.20
CA GLU A 9 -0.55 1.24 -0.11
C GLU A 9 0.30 0.50 0.93
N LYS A 10 -0.24 0.35 2.14
CA LYS A 10 0.45 -0.35 3.21
C LYS A 10 0.51 -1.85 2.90
N LEU A 11 -0.61 -2.38 2.40
CA LEU A 11 -0.69 -3.80 2.06
C LEU A 11 0.16 -4.11 0.84
N PHE A 12 0.23 -3.15 -0.09
CA PHE A 12 1.01 -3.32 -1.31
C PHE A 12 2.49 -3.06 -1.06
N SER A 13 2.81 -2.44 0.06
CA SER A 13 4.19 -2.13 0.41
C SER A 13 5.04 -3.40 0.43
N LYS A 14 4.42 -4.51 0.82
CA LYS A 14 5.12 -5.78 0.88
C LYS A 14 5.56 -6.22 -0.52
N ILE A 15 4.67 -6.10 -1.48
CA ILE A 15 4.97 -6.47 -2.86
C ILE A 15 5.94 -5.48 -3.51
N GLN A 16 5.87 -4.22 -3.07
CA GLN A 16 6.74 -3.18 -3.60
C GLN A 16 8.21 -3.53 -3.37
N ASN A 17 8.53 -3.93 -2.15
CA ASN A 17 9.89 -4.29 -1.79
C ASN A 17 10.17 -5.76 -2.10
N ASP A 18 9.95 -6.15 -3.35
CA ASP A 18 10.18 -7.52 -3.78
C ASP A 18 11.56 -7.69 -4.39
N LYS A 19 12.51 -6.88 -3.94
CA LYS A 19 13.88 -6.95 -4.45
C LYS A 19 14.67 -8.04 -3.73
N ALA A 1 -13.34 7.60 3.38
CA ALA A 1 -13.48 7.06 2.00
C ALA A 1 -12.46 7.69 1.05
N LYS A 2 -12.10 8.94 1.33
CA LYS A 2 -11.13 9.66 0.50
C LYS A 2 -9.72 9.55 1.09
N LYS A 3 -9.49 8.53 1.91
CA LYS A 3 -8.19 8.33 2.53
C LYS A 3 -7.82 6.85 2.58
N VAL A 4 -8.56 6.01 1.85
CA VAL A 4 -8.24 4.59 1.80
C VAL A 4 -6.81 4.44 1.29
N SER A 5 -6.33 5.52 0.68
CA SER A 5 -4.98 5.60 0.15
C SER A 5 -3.98 4.97 1.10
N LYS A 6 -4.28 5.07 2.38
CA LYS A 6 -3.41 4.50 3.41
C LYS A 6 -3.31 2.99 3.23
N ARG A 7 -4.45 2.34 3.12
CA ARG A 7 -4.47 0.90 2.92
C ARG A 7 -3.82 0.58 1.59
N LEU A 8 -4.06 1.43 0.60
CA LEU A 8 -3.47 1.25 -0.71
C LEU A 8 -1.96 1.41 -0.63
N GLU A 9 -1.53 2.42 0.11
CA GLU A 9 -0.10 2.66 0.30
C GLU A 9 0.55 1.47 1.01
N LYS A 10 -0.25 0.78 1.82
CA LYS A 10 0.25 -0.38 2.54
C LYS A 10 0.49 -1.54 1.58
N LEU A 11 -0.38 -1.67 0.59
CA LEU A 11 -0.26 -2.72 -0.41
C LEU A 11 0.93 -2.46 -1.32
N PHE A 12 1.16 -1.19 -1.65
CA PHE A 12 2.27 -0.82 -2.52
C PHE A 12 3.59 -1.23 -1.91
N SER A 13 3.73 -1.03 -0.60
CA SER A 13 4.95 -1.41 0.10
C SER A 13 5.21 -2.90 -0.02
N LYS A 14 4.14 -3.67 -0.09
CA LYS A 14 4.24 -5.12 -0.22
C LYS A 14 4.83 -5.50 -1.58
N ILE A 15 4.55 -4.67 -2.58
CA ILE A 15 5.06 -4.90 -3.92
C ILE A 15 6.55 -4.62 -4.00
N GLN A 16 7.03 -3.72 -3.15
CA GLN A 16 8.45 -3.37 -3.12
C GLN A 16 9.19 -4.16 -2.05
N ASN A 17 8.75 -5.39 -1.81
CA ASN A 17 9.37 -6.24 -0.81
C ASN A 17 10.60 -6.93 -1.38
N ASP A 18 11.15 -7.88 -0.61
CA ASP A 18 12.33 -8.61 -1.04
C ASP A 18 11.95 -9.93 -1.71
N LYS A 19 10.94 -9.87 -2.59
CA LYS A 19 10.48 -11.06 -3.29
C LYS A 19 11.28 -11.28 -4.57
N ALA A 1 -10.42 12.05 1.03
CA ALA A 1 -11.50 11.05 0.86
C ALA A 1 -11.01 9.84 0.08
N LYS A 2 -10.21 10.09 -0.95
CA LYS A 2 -9.67 9.03 -1.78
C LYS A 2 -8.26 8.65 -1.34
N LYS A 3 -8.04 8.63 -0.03
CA LYS A 3 -6.74 8.28 0.52
C LYS A 3 -6.73 6.86 1.07
N VAL A 4 -7.71 6.05 0.67
CA VAL A 4 -7.74 4.66 1.09
C VAL A 4 -6.42 4.00 0.71
N SER A 5 -5.75 4.65 -0.24
CA SER A 5 -4.45 4.23 -0.75
C SER A 5 -3.54 3.79 0.39
N LYS A 6 -3.74 4.42 1.53
CA LYS A 6 -2.96 4.10 2.73
C LYS A 6 -3.15 2.64 3.10
N ARG A 7 -4.40 2.20 3.11
CA ARG A 7 -4.70 0.81 3.44
C ARG A 7 -4.03 -0.11 2.42
N LEU A 8 -4.14 0.26 1.15
CA LEU A 8 -3.52 -0.52 0.08
C LEU A 8 -2.01 -0.48 0.24
N GLU A 9 -1.49 0.70 0.56
CA GLU A 9 -0.06 0.87 0.77
C GLU A 9 0.39 0.04 1.96
N LYS A 10 -0.52 -0.20 2.90
CA LYS A 10 -0.21 -0.99 4.08
C LYS A 10 -0.03 -2.46 3.70
N LEU A 11 -0.93 -2.95 2.85
CA LEU A 11 -0.86 -4.33 2.40
C LEU A 11 0.32 -4.53 1.46
N PHE A 12 0.67 -3.49 0.71
CA PHE A 12 1.78 -3.57 -0.23
C PHE A 12 3.10 -3.80 0.51
N SER A 13 3.18 -3.29 1.73
CA SER A 13 4.39 -3.45 2.53
C SER A 13 4.72 -4.91 2.74
N LYS A 14 3.69 -5.74 2.86
CA LYS A 14 3.88 -7.18 3.05
C LYS A 14 4.54 -7.80 1.83
N ILE A 15 4.27 -7.23 0.66
CA ILE A 15 4.84 -7.73 -0.58
C ILE A 15 6.30 -7.31 -0.73
N GLN A 16 6.58 -6.06 -0.37
CA GLN A 16 7.93 -5.52 -0.47
C GLN A 16 8.45 -5.58 -1.90
N ASN A 17 7.63 -5.11 -2.83
CA ASN A 17 8.00 -5.11 -4.24
C ASN A 17 9.27 -4.29 -4.48
N ASP A 18 10.08 -4.71 -5.44
CA ASP A 18 11.31 -4.02 -5.77
C ASP A 18 11.10 -3.03 -6.91
N LYS A 19 10.03 -2.25 -6.82
CA LYS A 19 9.71 -1.27 -7.85
C LYS A 19 10.45 0.04 -7.59
N ALA A 1 -12.85 11.68 1.78
CA ALA A 1 -13.05 10.63 0.76
C ALA A 1 -12.48 9.29 1.23
N LYS A 2 -12.38 8.33 0.31
CA LYS A 2 -11.84 7.02 0.64
C LYS A 2 -10.39 6.90 0.18
N LYS A 3 -9.56 7.83 0.64
CA LYS A 3 -8.15 7.84 0.28
C LYS A 3 -7.33 6.97 1.21
N VAL A 4 -8.00 6.16 2.04
CA VAL A 4 -7.28 5.24 2.92
C VAL A 4 -6.36 4.37 2.07
N SER A 5 -6.66 4.35 0.78
CA SER A 5 -5.89 3.62 -0.21
C SER A 5 -4.39 3.78 0.04
N LYS A 6 -4.03 4.94 0.57
CA LYS A 6 -2.65 5.24 0.87
C LYS A 6 -2.09 4.22 1.85
N ARG A 7 -2.83 3.98 2.93
CA ARG A 7 -2.41 3.00 3.92
C ARG A 7 -2.37 1.62 3.28
N LEU A 8 -3.33 1.35 2.41
CA LEU A 8 -3.38 0.08 1.70
C LEU A 8 -2.17 -0.04 0.80
N GLU A 9 -1.85 1.06 0.11
CA GLU A 9 -0.70 1.09 -0.77
C GLU A 9 0.57 0.77 0.01
N LYS A 10 0.57 1.08 1.30
CA LYS A 10 1.72 0.82 2.15
C LYS A 10 1.90 -0.69 2.34
N LEU A 11 0.80 -1.38 2.63
CA LEU A 11 0.83 -2.81 2.83
C LEU A 11 1.08 -3.54 1.50
N PHE A 12 0.62 -2.94 0.41
CA PHE A 12 0.79 -3.51 -0.91
C PHE A 12 2.25 -3.41 -1.37
N SER A 13 2.99 -2.48 -0.78
CA SER A 13 4.39 -2.28 -1.13
C SER A 13 5.19 -3.58 -0.97
N LYS A 14 4.73 -4.43 -0.04
CA LYS A 14 5.40 -5.70 0.21
C LYS A 14 5.31 -6.61 -1.01
N ILE A 15 4.16 -6.60 -1.67
CA ILE A 15 3.95 -7.42 -2.85
C ILE A 15 4.76 -6.91 -4.03
N GLN A 16 4.91 -5.59 -4.11
CA GLN A 16 5.66 -4.98 -5.20
C GLN A 16 7.16 -5.22 -5.03
N ASN A 17 7.77 -4.50 -4.10
CA ASN A 17 9.21 -4.64 -3.84
C ASN A 17 9.47 -5.82 -2.92
N ASP A 18 10.56 -6.54 -3.18
CA ASP A 18 10.93 -7.70 -2.38
C ASP A 18 11.93 -7.32 -1.29
N LYS A 19 11.75 -6.14 -0.71
CA LYS A 19 12.63 -5.66 0.34
C LYS A 19 12.07 -5.99 1.72
N ALA A 1 -13.03 9.67 4.96
CA ALA A 1 -11.82 9.65 4.10
C ALA A 1 -11.93 8.59 3.01
N LYS A 2 -12.09 9.05 1.78
CA LYS A 2 -12.21 8.13 0.64
C LYS A 2 -10.87 7.97 -0.07
N LYS A 3 -9.78 8.11 0.67
CA LYS A 3 -8.44 7.99 0.11
C LYS A 3 -7.55 7.12 0.99
N VAL A 4 -8.15 6.35 1.89
CA VAL A 4 -7.37 5.43 2.72
C VAL A 4 -6.57 4.53 1.82
N SER A 5 -7.01 4.45 0.56
CA SER A 5 -6.37 3.67 -0.48
C SER A 5 -4.86 3.79 -0.41
N LYS A 6 -4.41 4.95 0.01
CA LYS A 6 -2.98 5.22 0.15
C LYS A 6 -2.36 4.24 1.13
N ARG A 7 -2.98 4.10 2.30
CA ARG A 7 -2.50 3.18 3.31
C ARG A 7 -2.56 1.76 2.75
N LEU A 8 -3.61 1.48 2.01
CA LEU A 8 -3.79 0.18 1.39
C LEU A 8 -2.69 -0.06 0.38
N GLU A 9 -2.43 0.95 -0.45
CA GLU A 9 -1.38 0.85 -1.45
C GLU A 9 -0.02 0.65 -0.77
N LYS A 10 0.10 1.18 0.44
CA LYS A 10 1.34 1.04 1.20
C LYS A 10 1.53 -0.40 1.64
N LEU A 11 0.41 -1.06 1.95
CA LEU A 11 0.43 -2.45 2.37
C LEU A 11 0.81 -3.38 1.21
N PHE A 12 0.24 -3.09 0.04
CA PHE A 12 0.53 -3.89 -1.15
C PHE A 12 2.00 -3.77 -1.54
N SER A 13 2.57 -2.61 -1.29
CA SER A 13 3.98 -2.37 -1.61
C SER A 13 4.88 -3.33 -0.85
N LYS A 14 4.45 -3.72 0.34
CA LYS A 14 5.21 -4.64 1.17
C LYS A 14 5.29 -6.02 0.52
N ILE A 15 4.19 -6.43 -0.11
CA ILE A 15 4.13 -7.73 -0.78
C ILE A 15 4.97 -7.73 -2.05
N GLN A 16 5.09 -6.56 -2.67
CA GLN A 16 5.86 -6.42 -3.90
C GLN A 16 7.23 -5.81 -3.62
N ASN A 17 7.77 -6.11 -2.44
CA ASN A 17 9.08 -5.59 -2.06
C ASN A 17 10.20 -6.31 -2.81
N ASP A 18 10.92 -5.55 -3.63
CA ASP A 18 12.01 -6.12 -4.41
C ASP A 18 13.36 -5.93 -3.70
N LYS A 19 13.31 -5.79 -2.38
CA LYS A 19 14.53 -5.60 -1.59
C LYS A 19 15.03 -6.93 -1.05
N ALA A 1 -13.21 9.16 -2.48
CA ALA A 1 -12.28 8.30 -1.70
C ALA A 1 -11.61 9.09 -0.58
N LYS A 2 -11.34 8.43 0.53
CA LYS A 2 -10.69 9.08 1.67
C LYS A 2 -9.19 8.78 1.69
N LYS A 3 -8.62 8.56 0.51
CA LYS A 3 -7.20 8.26 0.37
C LYS A 3 -6.75 7.18 1.35
N VAL A 4 -7.69 6.34 1.79
CA VAL A 4 -7.34 5.23 2.67
C VAL A 4 -6.33 4.35 1.94
N SER A 5 -6.30 4.53 0.62
CA SER A 5 -5.39 3.83 -0.26
C SER A 5 -4.00 3.77 0.33
N LYS A 6 -3.65 4.80 1.09
CA LYS A 6 -2.36 4.88 1.73
C LYS A 6 -2.16 3.72 2.67
N ARG A 7 -3.14 3.48 3.53
CA ARG A 7 -3.07 2.36 4.47
C ARG A 7 -3.02 1.06 3.70
N LEU A 8 -3.79 0.98 2.62
CA LEU A 8 -3.81 -0.21 1.79
C LEU A 8 -2.46 -0.37 1.12
N GLU A 9 -1.90 0.75 0.64
CA GLU A 9 -0.60 0.72 0.00
C GLU A 9 0.47 0.24 0.98
N LYS A 10 0.22 0.47 2.27
CA LYS A 10 1.16 0.04 3.30
C LYS A 10 1.17 -1.48 3.40
N LEU A 11 -0.01 -2.08 3.39
CA LEU A 11 -0.14 -3.53 3.47
C LEU A 11 0.35 -4.18 2.18
N PHE A 12 0.12 -3.51 1.06
CA PHE A 12 0.54 -4.03 -0.25
C PHE A 12 2.00 -3.67 -0.54
N SER A 13 2.67 -3.03 0.41
CA SER A 13 4.07 -2.64 0.24
C SER A 13 4.95 -3.86 -0.04
N LYS A 14 4.58 -4.98 0.57
CA LYS A 14 5.34 -6.22 0.39
C LYS A 14 5.33 -6.65 -1.07
N ILE A 15 4.14 -6.63 -1.67
CA ILE A 15 3.99 -7.03 -3.07
C ILE A 15 4.61 -5.99 -4.00
N GLN A 16 4.58 -4.73 -3.59
CA GLN A 16 5.14 -3.64 -4.40
C GLN A 16 6.66 -3.68 -4.38
N ASN A 17 7.24 -3.38 -3.22
CA ASN A 17 8.69 -3.38 -3.07
C ASN A 17 9.25 -4.79 -3.24
N ASP A 18 9.95 -5.02 -4.35
CA ASP A 18 10.53 -6.33 -4.62
C ASP A 18 12.00 -6.38 -4.18
N LYS A 19 12.31 -5.63 -3.12
CA LYS A 19 13.68 -5.59 -2.60
C LYS A 19 13.99 -6.85 -1.80
N ALA A 1 -12.13 11.14 -0.24
CA ALA A 1 -11.95 9.69 0.03
C ALA A 1 -10.86 9.09 -0.85
N LYS A 2 -9.86 9.91 -1.19
CA LYS A 2 -8.76 9.47 -2.03
C LYS A 2 -7.54 9.14 -1.18
N LYS A 3 -7.77 8.67 0.04
CA LYS A 3 -6.68 8.32 0.94
C LYS A 3 -6.67 6.83 1.25
N VAL A 4 -7.44 6.05 0.48
CA VAL A 4 -7.43 4.60 0.66
C VAL A 4 -6.00 4.10 0.52
N SER A 5 -5.18 4.95 -0.11
CA SER A 5 -3.77 4.69 -0.31
C SER A 5 -3.14 4.07 0.93
N LYS A 6 -3.66 4.46 2.09
CA LYS A 6 -3.16 3.95 3.35
C LYS A 6 -3.32 2.44 3.40
N ARG A 7 -4.51 1.95 3.06
CA ARG A 7 -4.76 0.52 3.05
C ARG A 7 -3.86 -0.15 2.03
N LEU A 8 -3.71 0.49 0.88
CA LEU A 8 -2.84 -0.02 -0.17
C LEU A 8 -1.41 -0.02 0.31
N GLU A 9 -1.02 1.06 1.00
CA GLU A 9 0.33 1.16 1.53
C GLU A 9 0.59 0.06 2.55
N LYS A 10 -0.48 -0.39 3.21
CA LYS A 10 -0.37 -1.45 4.20
C LYS A 10 -0.07 -2.78 3.51
N LEU A 11 -0.78 -3.05 2.43
CA LEU A 11 -0.58 -4.28 1.67
C LEU A 11 0.75 -4.26 0.93
N PHE A 12 1.22 -3.06 0.60
CA PHE A 12 2.49 -2.90 -0.11
C PHE A 12 3.64 -3.50 0.70
N SER A 13 3.62 -3.26 2.01
CA SER A 13 4.66 -3.77 2.89
C SER A 13 4.68 -5.30 2.86
N LYS A 14 3.51 -5.89 2.65
CA LYS A 14 3.40 -7.35 2.57
C LYS A 14 4.07 -7.88 1.31
N ILE A 15 4.07 -7.07 0.26
CA ILE A 15 4.67 -7.46 -1.01
C ILE A 15 6.19 -7.34 -0.94
N GLN A 16 6.68 -6.32 -0.23
CA GLN A 16 8.11 -6.10 -0.09
C GLN A 16 8.78 -5.94 -1.45
N ASN A 17 7.99 -5.58 -2.46
CA ASN A 17 8.51 -5.38 -3.81
C ASN A 17 8.84 -3.92 -4.06
N ASP A 18 9.97 -3.68 -4.74
CA ASP A 18 10.39 -2.32 -5.05
C ASP A 18 9.93 -1.90 -6.45
N LYS A 19 8.80 -2.45 -6.88
CA LYS A 19 8.26 -2.15 -8.20
C LYS A 19 7.21 -1.04 -8.10
N ALA A 1 -11.83 9.12 1.93
CA ALA A 1 -12.27 8.56 0.61
C ALA A 1 -11.14 8.65 -0.42
N LYS A 2 -10.45 9.79 -0.43
CA LYS A 2 -9.35 10.00 -1.37
C LYS A 2 -8.01 9.74 -0.70
N LYS A 3 -8.01 8.89 0.32
CA LYS A 3 -6.79 8.56 1.04
C LYS A 3 -6.75 7.08 1.41
N VAL A 4 -7.62 6.29 0.79
CA VAL A 4 -7.60 4.85 1.03
C VAL A 4 -6.21 4.31 0.70
N SER A 5 -5.48 5.13 -0.06
CA SER A 5 -4.12 4.84 -0.46
C SER A 5 -3.31 4.24 0.68
N LYS A 6 -3.65 4.66 1.89
CA LYS A 6 -2.98 4.17 3.08
C LYS A 6 -3.17 2.66 3.21
N ARG A 7 -4.41 2.22 3.07
CA ARG A 7 -4.71 0.79 3.14
C ARG A 7 -3.98 0.07 2.00
N LEU A 8 -3.97 0.71 0.84
CA LEU A 8 -3.29 0.16 -0.32
C LEU A 8 -1.80 0.08 -0.05
N GLU A 9 -1.24 1.16 0.50
CA GLU A 9 0.17 1.20 0.83
C GLU A 9 0.50 0.14 1.87
N LYS A 10 -0.49 -0.19 2.70
CA LYS A 10 -0.32 -1.21 3.73
C LYS A 10 -0.20 -2.59 3.10
N LEU A 11 -0.96 -2.81 2.03
CA LEU A 11 -0.93 -4.08 1.32
C LEU A 11 0.38 -4.25 0.57
N PHE A 12 0.87 -3.16 -0.03
CA PHE A 12 2.11 -3.19 -0.77
C PHE A 12 3.30 -3.47 0.15
N SER A 13 3.22 -2.93 1.37
CA SER A 13 4.28 -3.13 2.35
C SER A 13 4.46 -4.61 2.67
N LYS A 14 3.37 -5.37 2.54
CA LYS A 14 3.40 -6.80 2.81
C LYS A 14 4.23 -7.53 1.76
N ILE A 15 4.18 -7.03 0.52
CA ILE A 15 4.92 -7.63 -0.58
C ILE A 15 6.41 -7.30 -0.47
N GLN A 16 6.71 -6.09 -0.03
CA GLN A 16 8.09 -5.64 0.13
C GLN A 16 8.83 -5.67 -1.21
N ASN A 17 8.07 -5.67 -2.30
CA ASN A 17 8.66 -5.69 -3.63
C ASN A 17 8.81 -4.28 -4.20
N ASP A 18 10.02 -3.76 -4.19
CA ASP A 18 10.29 -2.42 -4.69
C ASP A 18 10.75 -2.46 -6.16
N LYS A 19 10.34 -3.51 -6.88
CA LYS A 19 10.71 -3.66 -8.28
C LYS A 19 9.63 -3.09 -9.19
N ALA A 1 -12.96 11.66 1.89
CA ALA A 1 -12.89 10.24 2.31
C ALA A 1 -12.14 9.40 1.28
N LYS A 2 -11.18 10.02 0.60
CA LYS A 2 -10.38 9.34 -0.41
C LYS A 2 -9.03 8.93 0.15
N LYS A 3 -9.01 8.58 1.44
CA LYS A 3 -7.77 8.17 2.09
C LYS A 3 -7.60 6.66 2.06
N VAL A 4 -8.32 5.99 1.16
CA VAL A 4 -8.18 4.55 1.01
C VAL A 4 -6.72 4.25 0.72
N SER A 5 -6.02 5.29 0.28
CA SER A 5 -4.60 5.23 -0.02
C SER A 5 -3.85 4.44 1.04
N LYS A 6 -4.35 4.52 2.26
CA LYS A 6 -3.75 3.82 3.38
C LYS A 6 -3.73 2.32 3.11
N ARG A 7 -4.86 1.79 2.64
CA ARG A 7 -4.94 0.38 2.31
C ARG A 7 -3.97 0.04 1.20
N LEU A 8 -3.89 0.92 0.21
CA LEU A 8 -2.99 0.73 -0.91
C LEU A 8 -1.55 0.83 -0.42
N GLU A 9 -1.31 1.77 0.49
CA GLU A 9 0.02 1.95 1.05
C GLU A 9 0.40 0.71 1.85
N LYS A 10 -0.61 0.01 2.37
CA LYS A 10 -0.39 -1.20 3.14
C LYS A 10 0.09 -2.32 2.23
N LEU A 11 -0.64 -2.54 1.14
CA LEU A 11 -0.28 -3.58 0.17
C LEU A 11 0.98 -3.19 -0.60
N PHE A 12 1.28 -1.89 -0.64
CA PHE A 12 2.45 -1.41 -1.34
C PHE A 12 3.73 -1.90 -0.67
N SER A 13 3.73 -1.93 0.65
CA SER A 13 4.88 -2.38 1.42
C SER A 13 5.24 -3.81 1.04
N LYS A 14 4.23 -4.60 0.68
CA LYS A 14 4.44 -5.98 0.29
C LYS A 14 5.21 -6.07 -1.02
N ILE A 15 5.00 -5.08 -1.87
CA ILE A 15 5.67 -5.04 -3.17
C ILE A 15 7.14 -4.65 -3.02
N GLN A 16 7.44 -3.85 -2.00
CA GLN A 16 8.80 -3.41 -1.75
C GLN A 16 9.69 -4.59 -1.37
N ASN A 17 9.15 -5.49 -0.55
CA ASN A 17 9.89 -6.66 -0.11
C ASN A 17 10.30 -7.53 -1.29
N ASP A 18 9.31 -8.06 -2.00
CA ASP A 18 9.57 -8.90 -3.16
C ASP A 18 9.51 -8.09 -4.45
N LYS A 19 10.12 -6.91 -4.43
CA LYS A 19 10.15 -6.04 -5.59
C LYS A 19 11.16 -6.53 -6.62
N ALA A 1 -14.23 8.73 3.21
CA ALA A 1 -12.94 7.99 3.14
C ALA A 1 -12.26 8.19 1.79
N LYS A 2 -11.71 9.38 1.59
CA LYS A 2 -11.03 9.70 0.33
C LYS A 2 -9.51 9.58 0.49
N LYS A 3 -9.08 8.74 1.42
CA LYS A 3 -7.66 8.55 1.67
C LYS A 3 -7.36 7.10 2.04
N VAL A 4 -8.30 6.19 1.77
CA VAL A 4 -8.06 4.78 2.04
C VAL A 4 -6.81 4.35 1.30
N SER A 5 -6.45 5.16 0.30
CA SER A 5 -5.27 4.96 -0.51
C SER A 5 -4.08 4.55 0.35
N LYS A 6 -4.06 5.04 1.57
CA LYS A 6 -3.00 4.74 2.51
C LYS A 6 -2.94 3.23 2.77
N ARG A 7 -4.11 2.65 3.03
CA ARG A 7 -4.18 1.21 3.26
C ARG A 7 -3.72 0.46 2.02
N LEU A 8 -4.15 0.95 0.85
CA LEU A 8 -3.75 0.35 -0.40
C LEU A 8 -2.26 0.51 -0.59
N GLU A 9 -1.76 1.71 -0.30
CA GLU A 9 -0.33 1.98 -0.42
C GLU A 9 0.45 1.11 0.56
N LYS A 10 -0.19 0.73 1.65
CA LYS A 10 0.44 -0.12 2.64
C LYS A 10 0.62 -1.53 2.10
N LEU A 11 -0.38 -2.01 1.37
CA LEU A 11 -0.34 -3.33 0.79
C LEU A 11 0.68 -3.39 -0.35
N PHE A 12 0.77 -2.30 -1.11
CA PHE A 12 1.71 -2.22 -2.22
C PHE A 12 3.15 -2.21 -1.73
N SER A 13 3.37 -1.56 -0.60
CA SER A 13 4.71 -1.49 -0.01
C SER A 13 5.25 -2.88 0.29
N LYS A 14 4.38 -3.76 0.78
CA LYS A 14 4.77 -5.12 1.09
C LYS A 14 5.18 -5.87 -0.17
N ILE A 15 4.45 -5.64 -1.25
CA ILE A 15 4.73 -6.29 -2.53
C ILE A 15 5.93 -5.65 -3.21
N GLN A 16 6.13 -4.35 -2.96
CA GLN A 16 7.25 -3.63 -3.55
C GLN A 16 8.58 -4.13 -3.02
N ASN A 17 8.57 -4.67 -1.80
CA ASN A 17 9.78 -5.19 -1.17
C ASN A 17 9.92 -6.69 -1.44
N ASP A 18 9.70 -7.09 -2.69
CA ASP A 18 9.80 -8.50 -3.07
C ASP A 18 11.18 -8.81 -3.64
N LYS A 19 12.18 -8.02 -3.25
CA LYS A 19 13.54 -8.23 -3.72
C LYS A 19 14.35 -9.08 -2.74
N ALA A 1 -10.77 8.90 4.07
CA ALA A 1 -11.91 8.00 3.79
C ALA A 1 -12.06 7.75 2.29
N LYS A 2 -11.77 8.78 1.50
CA LYS A 2 -11.87 8.67 0.04
C LYS A 2 -10.50 8.40 -0.58
N LYS A 3 -9.45 8.38 0.23
CA LYS A 3 -8.10 8.14 -0.25
C LYS A 3 -7.30 7.29 0.73
N VAL A 4 -8.00 6.63 1.66
CA VAL A 4 -7.32 5.74 2.59
C VAL A 4 -6.53 4.71 1.79
N SER A 5 -6.94 4.57 0.53
CA SER A 5 -6.31 3.67 -0.41
C SER A 5 -4.80 3.73 -0.30
N LYS A 6 -4.30 4.90 0.06
CA LYS A 6 -2.86 5.11 0.22
C LYS A 6 -2.32 4.18 1.29
N ARG A 7 -2.99 4.12 2.43
CA ARG A 7 -2.58 3.24 3.51
C ARG A 7 -2.62 1.80 3.04
N LEU A 8 -3.67 1.46 2.30
CA LEU A 8 -3.83 0.11 1.77
C LEU A 8 -2.71 -0.15 0.76
N GLU A 9 -2.46 0.84 -0.09
CA GLU A 9 -1.40 0.72 -1.08
C GLU A 9 -0.06 0.56 -0.41
N LYS A 10 0.07 1.09 0.81
CA LYS A 10 1.30 0.99 1.56
C LYS A 10 1.53 -0.46 2.01
N LEU A 11 0.44 -1.12 2.41
CA LEU A 11 0.52 -2.51 2.85
C LEU A 11 0.82 -3.43 1.67
N PHE A 12 0.22 -3.13 0.52
CA PHE A 12 0.43 -3.94 -0.67
C PHE A 12 1.88 -3.88 -1.12
N SER A 13 2.55 -2.76 -0.84
CA SER A 13 3.94 -2.59 -1.22
C SER A 13 4.80 -3.70 -0.64
N LYS A 14 4.40 -4.22 0.50
CA LYS A 14 5.13 -5.29 1.17
C LYS A 14 5.10 -6.56 0.33
N ILE A 15 4.00 -6.77 -0.39
CA ILE A 15 3.85 -7.95 -1.24
C ILE A 15 4.73 -7.84 -2.49
N GLN A 16 4.90 -6.61 -2.97
CA GLN A 16 5.72 -6.36 -4.15
C GLN A 16 7.03 -5.67 -3.77
N ASN A 17 7.53 -5.98 -2.57
CA ASN A 17 8.77 -5.39 -2.09
C ASN A 17 9.96 -5.96 -2.85
N ASP A 18 10.53 -5.16 -3.75
CA ASP A 18 11.69 -5.60 -4.53
C ASP A 18 12.99 -5.13 -3.89
N LYS A 19 13.00 -5.04 -2.57
CA LYS A 19 14.19 -4.61 -1.83
C LYS A 19 15.06 -5.80 -1.46
N ALA A 1 -12.93 10.04 0.63
CA ALA A 1 -11.52 10.48 0.46
C ALA A 1 -10.73 9.49 -0.39
N LYS A 2 -9.71 9.99 -1.07
CA LYS A 2 -8.88 9.15 -1.92
C LYS A 2 -7.59 8.76 -1.20
N LYS A 3 -7.65 8.66 0.12
CA LYS A 3 -6.49 8.30 0.91
C LYS A 3 -6.48 6.81 1.25
N VAL A 4 -7.31 6.04 0.54
CA VAL A 4 -7.33 4.59 0.75
C VAL A 4 -5.92 4.06 0.54
N SER A 5 -5.13 4.87 -0.15
CA SER A 5 -3.74 4.58 -0.45
C SER A 5 -3.03 3.97 0.76
N LYS A 6 -3.47 4.38 1.93
CA LYS A 6 -2.91 3.89 3.18
C LYS A 6 -3.10 2.39 3.28
N ARG A 7 -4.32 1.94 3.03
CA ARG A 7 -4.64 0.52 3.08
C ARG A 7 -3.83 -0.22 2.02
N LEU A 8 -3.71 0.41 0.84
CA LEU A 8 -2.94 -0.16 -0.24
C LEU A 8 -1.48 -0.20 0.13
N GLU A 9 -1.00 0.89 0.73
CA GLU A 9 0.39 0.95 1.16
C GLU A 9 0.65 -0.09 2.24
N LYS A 10 -0.41 -0.45 2.97
CA LYS A 10 -0.30 -1.46 4.01
C LYS A 10 -0.08 -2.83 3.40
N LEU A 11 -0.92 -3.18 2.43
CA LEU A 11 -0.80 -4.47 1.76
C LEU A 11 0.44 -4.53 0.89
N PHE A 12 0.92 -3.37 0.45
CA PHE A 12 2.11 -3.30 -0.39
C PHE A 12 3.37 -3.60 0.41
N SER A 13 3.44 -3.05 1.62
CA SER A 13 4.60 -3.27 2.49
C SER A 13 4.79 -4.76 2.75
N LYS A 14 3.68 -5.49 2.86
CA LYS A 14 3.74 -6.92 3.11
C LYS A 14 4.33 -7.64 1.91
N ILE A 15 3.92 -7.23 0.72
CA ILE A 15 4.41 -7.83 -0.51
C ILE A 15 5.82 -7.35 -0.84
N GLN A 16 6.24 -6.25 -0.23
CA GLN A 16 7.56 -5.69 -0.46
C GLN A 16 7.64 -5.07 -1.86
N ASN A 17 7.36 -3.77 -1.94
CA ASN A 17 7.41 -3.07 -3.22
C ASN A 17 8.78 -3.18 -3.87
N ASP A 18 8.94 -4.19 -4.72
CA ASP A 18 10.21 -4.41 -5.42
C ASP A 18 10.20 -3.76 -6.79
N LYS A 19 9.43 -2.69 -6.94
CA LYS A 19 9.34 -1.98 -8.21
C LYS A 19 10.31 -0.79 -8.24
N ALA A 1 -10.94 10.83 1.08
CA ALA A 1 -11.75 9.65 0.68
C ALA A 1 -11.01 8.82 -0.37
N LYS A 2 -10.23 9.48 -1.21
CA LYS A 2 -9.48 8.80 -2.27
C LYS A 2 -8.03 8.58 -1.83
N LYS A 3 -7.81 8.51 -0.53
CA LYS A 3 -6.46 8.30 0.01
C LYS A 3 -6.37 6.98 0.74
N VAL A 4 -7.35 6.10 0.54
CA VAL A 4 -7.31 4.77 1.15
C VAL A 4 -6.00 4.10 0.75
N SER A 5 -5.43 4.62 -0.32
CA SER A 5 -4.16 4.16 -0.87
C SER A 5 -3.16 3.87 0.25
N LYS A 6 -3.28 4.62 1.33
CA LYS A 6 -2.41 4.46 2.49
C LYS A 6 -2.57 3.06 3.06
N ARG A 7 -3.82 2.66 3.30
CA ARG A 7 -4.09 1.34 3.82
C ARG A 7 -3.63 0.28 2.83
N LEU A 8 -3.85 0.57 1.55
CA LEU A 8 -3.44 -0.34 0.49
C LEU A 8 -1.91 -0.40 0.45
N GLU A 9 -1.28 0.75 0.62
CA GLU A 9 0.18 0.82 0.63
C GLU A 9 0.73 -0.01 1.79
N LYS A 10 -0.07 -0.13 2.85
CA LYS A 10 0.35 -0.90 4.02
C LYS A 10 0.40 -2.39 3.68
N LEU A 11 -0.62 -2.85 2.96
CA LEU A 11 -0.69 -4.26 2.57
C LEU A 11 0.37 -4.58 1.52
N PHE A 12 0.71 -3.58 0.69
CA PHE A 12 1.71 -3.77 -0.34
C PHE A 12 3.10 -3.98 0.25
N SER A 13 3.31 -3.43 1.45
CA SER A 13 4.60 -3.55 2.13
C SER A 13 4.97 -5.02 2.32
N LYS A 14 3.96 -5.87 2.50
CA LYS A 14 4.18 -7.30 2.69
C LYS A 14 4.70 -7.94 1.41
N ILE A 15 4.29 -7.39 0.27
CA ILE A 15 4.71 -7.91 -1.03
C ILE A 15 6.09 -7.39 -1.41
N GLN A 16 6.46 -6.24 -0.84
CA GLN A 16 7.77 -5.62 -1.12
C GLN A 16 8.10 -5.66 -2.61
N ASN A 17 7.08 -5.54 -3.44
CA ASN A 17 7.26 -5.56 -4.89
C ASN A 17 7.41 -4.16 -5.45
N ASP A 18 7.29 -3.15 -4.58
CA ASP A 18 7.40 -1.75 -5.02
C ASP A 18 8.82 -1.24 -4.81
N LYS A 19 9.80 -2.12 -4.90
CA LYS A 19 11.20 -1.74 -4.71
C LYS A 19 11.86 -1.47 -6.06
N ALA A 1 -12.35 11.37 0.90
CA ALA A 1 -12.57 10.67 2.19
C ALA A 1 -12.13 9.21 2.11
N LYS A 2 -12.23 8.64 0.91
CA LYS A 2 -11.84 7.25 0.70
C LYS A 2 -10.39 7.16 0.21
N LYS A 3 -9.51 7.89 0.87
CA LYS A 3 -8.10 7.89 0.50
C LYS A 3 -7.29 6.94 1.38
N VAL A 4 -7.99 6.06 2.12
CA VAL A 4 -7.29 5.08 2.94
C VAL A 4 -6.39 4.25 2.03
N SER A 5 -6.69 4.33 0.74
CA SER A 5 -5.94 3.65 -0.30
C SER A 5 -4.44 3.76 -0.06
N LYS A 6 -4.05 4.87 0.54
CA LYS A 6 -2.65 5.11 0.84
C LYS A 6 -2.12 4.04 1.78
N ARG A 7 -2.85 3.78 2.86
CA ARG A 7 -2.46 2.76 3.81
C ARG A 7 -2.47 1.41 3.13
N LEU A 8 -3.48 1.18 2.29
CA LEU A 8 -3.60 -0.06 1.55
C LEU A 8 -2.44 -0.17 0.57
N GLU A 9 -2.10 0.95 -0.07
CA GLU A 9 -0.98 0.98 -1.00
C GLU A 9 0.32 0.63 -0.29
N LYS A 10 0.37 0.91 1.01
CA LYS A 10 1.56 0.61 1.80
C LYS A 10 1.73 -0.90 1.95
N LEU A 11 0.62 -1.61 2.12
CA LEU A 11 0.65 -3.06 2.26
C LEU A 11 1.02 -3.73 0.94
N PHE A 12 0.51 -3.17 -0.15
CA PHE A 12 0.79 -3.71 -1.49
C PHE A 12 2.23 -3.45 -1.89
N SER A 13 2.77 -2.30 -1.47
CA SER A 13 4.14 -1.94 -1.79
C SER A 13 5.11 -2.98 -1.24
N LYS A 14 4.80 -3.53 -0.08
CA LYS A 14 5.64 -4.53 0.55
C LYS A 14 5.66 -5.82 -0.27
N ILE A 15 4.55 -6.10 -0.93
CA ILE A 15 4.44 -7.31 -1.76
C ILE A 15 5.12 -7.12 -3.11
N GLN A 16 5.12 -5.88 -3.59
CA GLN A 16 5.74 -5.56 -4.87
C GLN A 16 7.22 -5.23 -4.70
N ASN A 17 7.54 -4.61 -3.56
CA ASN A 17 8.92 -4.24 -3.28
C ASN A 17 9.82 -5.47 -3.20
N ASP A 18 11.11 -5.25 -3.04
CA ASP A 18 12.08 -6.34 -2.95
C ASP A 18 12.38 -6.69 -1.50
N LYS A 19 11.37 -6.56 -0.65
CA LYS A 19 11.52 -6.86 0.77
C LYS A 19 11.15 -8.31 1.06
N ALA A 1 -12.13 10.58 4.33
CA ALA A 1 -11.40 9.30 4.41
C ALA A 1 -11.73 8.40 3.22
N LYS A 2 -11.90 9.02 2.05
CA LYS A 2 -12.22 8.29 0.83
C LYS A 2 -10.97 8.02 0.01
N LYS A 3 -9.82 7.98 0.67
CA LYS A 3 -8.55 7.74 -0.01
C LYS A 3 -7.58 6.99 0.89
N VAL A 4 -8.09 6.35 1.94
CA VAL A 4 -7.25 5.55 2.80
C VAL A 4 -6.54 4.48 1.96
N SER A 5 -7.12 4.27 0.78
CA SER A 5 -6.61 3.33 -0.20
C SER A 5 -5.10 3.44 -0.31
N LYS A 6 -4.59 4.64 -0.10
CA LYS A 6 -3.16 4.89 -0.17
C LYS A 6 -2.44 4.04 0.87
N ARG A 7 -2.94 4.04 2.10
CA ARG A 7 -2.35 3.25 3.15
C ARG A 7 -2.38 1.77 2.77
N LEU A 8 -3.53 1.34 2.24
CA LEU A 8 -3.69 -0.03 1.80
C LEU A 8 -2.73 -0.32 0.66
N GLU A 9 -2.66 0.62 -0.29
CA GLU A 9 -1.76 0.47 -1.42
C GLU A 9 -0.31 0.47 -0.93
N LYS A 10 -0.08 1.12 0.21
CA LYS A 10 1.26 1.18 0.79
C LYS A 10 1.66 -0.20 1.32
N LEU A 11 0.69 -0.90 1.90
CA LEU A 11 0.93 -2.23 2.45
C LEU A 11 1.15 -3.24 1.32
N PHE A 12 0.37 -3.11 0.25
CA PHE A 12 0.49 -4.01 -0.88
C PHE A 12 1.84 -3.84 -1.58
N SER A 13 2.25 -2.59 -1.78
CA SER A 13 3.52 -2.30 -2.41
C SER A 13 4.68 -2.94 -1.64
N LYS A 14 4.50 -3.05 -0.33
CA LYS A 14 5.52 -3.65 0.53
C LYS A 14 5.65 -5.15 0.24
N ILE A 15 4.54 -5.77 -0.15
CA ILE A 15 4.52 -7.19 -0.46
C ILE A 15 5.22 -7.46 -1.79
N GLN A 16 5.14 -6.51 -2.70
CA GLN A 16 5.76 -6.65 -4.01
C GLN A 16 7.07 -5.87 -4.08
N ASN A 17 7.74 -5.76 -2.95
CA ASN A 17 9.01 -5.04 -2.87
C ASN A 17 10.18 -5.95 -3.19
N ASP A 18 11.31 -5.36 -3.56
CA ASP A 18 12.51 -6.13 -3.90
C ASP A 18 13.43 -6.25 -2.68
N LYS A 19 12.85 -6.48 -1.51
CA LYS A 19 13.61 -6.61 -0.28
C LYS A 19 13.91 -8.08 0.03
N ALA A 1 -11.39 7.43 5.21
CA ALA A 1 -11.79 8.46 4.22
C ALA A 1 -11.93 7.86 2.82
N LYS A 2 -12.01 8.72 1.81
CA LYS A 2 -12.15 8.27 0.43
C LYS A 2 -10.79 8.18 -0.26
N LYS A 3 -9.73 8.13 0.54
CA LYS A 3 -8.38 8.03 -0.01
C LYS A 3 -7.49 7.17 0.88
N VAL A 4 -8.11 6.38 1.75
CA VAL A 4 -7.34 5.47 2.60
C VAL A 4 -6.49 4.58 1.71
N SER A 5 -6.91 4.52 0.44
CA SER A 5 -6.24 3.76 -0.59
C SER A 5 -4.73 3.93 -0.49
N LYS A 6 -4.32 5.09 -0.04
CA LYS A 6 -2.90 5.41 0.12
C LYS A 6 -2.27 4.43 1.11
N ARG A 7 -2.91 4.25 2.25
CA ARG A 7 -2.42 3.33 3.25
C ARG A 7 -2.40 1.92 2.68
N LEU A 8 -3.46 1.59 1.93
CA LEU A 8 -3.57 0.29 1.31
C LEU A 8 -2.46 0.13 0.27
N GLU A 9 -2.24 1.19 -0.51
CA GLU A 9 -1.20 1.18 -1.52
C GLU A 9 0.17 1.01 -0.87
N LYS A 10 0.29 1.45 0.38
CA LYS A 10 1.54 1.32 1.12
C LYS A 10 1.81 -0.14 1.46
N LEU A 11 0.76 -0.85 1.84
CA LEU A 11 0.88 -2.26 2.18
C LEU A 11 1.16 -3.10 0.94
N PHE A 12 0.57 -2.71 -0.19
CA PHE A 12 0.76 -3.41 -1.44
C PHE A 12 2.24 -3.42 -1.85
N SER A 13 2.94 -2.35 -1.49
CA SER A 13 4.36 -2.22 -1.81
C SER A 13 5.16 -3.37 -1.20
N LYS A 14 4.81 -3.73 0.03
CA LYS A 14 5.50 -4.81 0.73
C LYS A 14 5.29 -6.13 -0.01
N ILE A 15 4.14 -6.28 -0.65
CA ILE A 15 3.83 -7.49 -1.40
C ILE A 15 4.65 -7.57 -2.68
N GLN A 16 4.95 -6.41 -3.26
CA GLN A 16 5.72 -6.35 -4.49
C GLN A 16 7.21 -6.20 -4.19
N ASN A 17 7.58 -5.08 -3.59
CA ASN A 17 8.97 -4.81 -3.24
C ASN A 17 9.43 -5.70 -2.10
N ASP A 18 10.01 -6.83 -2.43
CA ASP A 18 10.50 -7.78 -1.42
C ASP A 18 11.98 -7.55 -1.13
N LYS A 19 12.36 -6.29 -0.99
CA LYS A 19 13.74 -5.94 -0.71
C LYS A 19 14.00 -5.84 0.79
N ALA A 1 -13.04 9.68 3.94
CA ALA A 1 -11.69 9.80 3.32
C ALA A 1 -11.64 9.08 1.97
N LYS A 2 -11.33 9.82 0.92
CA LYS A 2 -11.25 9.25 -0.43
C LYS A 2 -9.80 8.95 -0.80
N LYS A 3 -8.99 8.62 0.20
CA LYS A 3 -7.58 8.31 -0.03
C LYS A 3 -7.10 7.22 0.93
N VAL A 4 -8.03 6.47 1.52
CA VAL A 4 -7.65 5.37 2.40
C VAL A 4 -6.74 4.43 1.61
N SER A 5 -6.83 4.55 0.29
CA SER A 5 -6.03 3.78 -0.64
C SER A 5 -4.59 3.69 -0.18
N LYS A 6 -4.15 4.74 0.50
CA LYS A 6 -2.80 4.81 1.03
C LYS A 6 -2.55 3.65 1.98
N ARG A 7 -3.50 3.41 2.87
CA ARG A 7 -3.39 2.31 3.82
C ARG A 7 -3.29 0.99 3.07
N LEU A 8 -4.16 0.83 2.07
CA LEU A 8 -4.15 -0.38 1.26
C LEU A 8 -2.84 -0.47 0.49
N GLU A 9 -2.40 0.68 -0.03
CA GLU A 9 -1.15 0.73 -0.77
C GLU A 9 0.02 0.38 0.15
N LYS A 10 -0.16 0.64 1.45
CA LYS A 10 0.87 0.34 2.43
C LYS A 10 1.02 -1.16 2.59
N LEU A 11 -0.10 -1.87 2.57
CA LEU A 11 -0.09 -3.32 2.70
C LEU A 11 0.49 -3.98 1.46
N PHE A 12 0.16 -3.42 0.30
CA PHE A 12 0.65 -3.95 -0.97
C PHE A 12 2.16 -3.72 -1.10
N SER A 13 2.65 -2.63 -0.51
CA SER A 13 4.06 -2.30 -0.57
C SER A 13 4.90 -3.42 0.06
N LYS A 14 4.35 -4.06 1.09
CA LYS A 14 5.05 -5.15 1.77
C LYS A 14 5.23 -6.35 0.84
N ILE A 15 4.21 -6.61 0.02
CA ILE A 15 4.26 -7.72 -0.91
C ILE A 15 5.15 -7.41 -2.11
N GLN A 16 5.26 -6.13 -2.44
CA GLN A 16 6.08 -5.69 -3.55
C GLN A 16 7.49 -5.35 -3.09
N ASN A 17 8.10 -6.27 -2.35
CA ASN A 17 9.46 -6.07 -1.84
C ASN A 17 10.49 -6.46 -2.90
N ASP A 18 10.43 -5.80 -4.05
CA ASP A 18 11.36 -6.08 -5.14
C ASP A 18 12.54 -5.10 -5.11
N LYS A 19 12.90 -4.65 -3.92
CA LYS A 19 14.01 -3.72 -3.77
C LYS A 19 15.33 -4.37 -4.16
N ALA A 1 -11.88 11.01 3.06
CA ALA A 1 -12.51 9.77 3.57
C ALA A 1 -12.32 8.61 2.59
N LYS A 2 -12.23 8.94 1.30
CA LYS A 2 -12.04 7.92 0.28
C LYS A 2 -10.57 7.83 -0.14
N LYS A 3 -9.68 8.10 0.81
CA LYS A 3 -8.25 8.05 0.55
C LYS A 3 -7.57 6.97 1.37
N VAL A 4 -8.36 6.03 1.90
CA VAL A 4 -7.80 4.91 2.65
C VAL A 4 -6.78 4.21 1.76
N SER A 5 -6.92 4.45 0.46
CA SER A 5 -6.04 3.91 -0.56
C SER A 5 -4.59 3.97 -0.12
N LYS A 6 -4.28 4.98 0.68
CA LYS A 6 -2.93 5.17 1.19
C LYS A 6 -2.52 3.96 2.03
N ARG A 7 -3.38 3.57 2.95
CA ARG A 7 -3.11 2.40 3.79
C ARG A 7 -2.97 1.17 2.92
N LEU A 8 -3.83 1.06 1.92
CA LEU A 8 -3.79 -0.05 0.99
C LEU A 8 -2.49 0.00 0.20
N GLU A 9 -2.14 1.19 -0.25
CA GLU A 9 -0.90 1.38 -1.01
C GLU A 9 0.30 1.01 -0.15
N LYS A 10 0.15 1.14 1.17
CA LYS A 10 1.21 0.80 2.10
C LYS A 10 1.41 -0.71 2.13
N LEU A 11 0.31 -1.45 2.19
CA LEU A 11 0.36 -2.91 2.22
C LEU A 11 0.83 -3.45 0.87
N PHE A 12 0.50 -2.74 -0.20
CA PHE A 12 0.88 -3.16 -1.55
C PHE A 12 2.40 -3.08 -1.73
N SER A 13 3.02 -2.08 -1.10
CA SER A 13 4.46 -1.89 -1.20
C SER A 13 5.20 -3.12 -0.67
N LYS A 14 4.67 -3.71 0.40
CA LYS A 14 5.27 -4.90 1.00
C LYS A 14 5.19 -6.08 0.06
N ILE A 15 4.14 -6.13 -0.74
CA ILE A 15 3.94 -7.22 -1.69
C ILE A 15 4.78 -7.01 -2.95
N GLN A 16 5.00 -5.76 -3.30
CA GLN A 16 5.79 -5.42 -4.48
C GLN A 16 7.21 -5.02 -4.10
N ASN A 17 7.70 -5.56 -2.98
CA ASN A 17 9.04 -5.26 -2.50
C ASN A 17 10.03 -6.31 -2.97
N ASP A 18 11.06 -5.87 -3.70
CA ASP A 18 12.08 -6.78 -4.21
C ASP A 18 13.28 -6.83 -3.27
N LYS A 19 13.05 -6.56 -1.99
CA LYS A 19 14.12 -6.58 -1.00
C LYS A 19 14.17 -7.93 -0.29
N ALA A 1 -11.66 8.44 4.76
CA ALA A 1 -10.90 7.24 4.32
C ALA A 1 -11.28 6.85 2.90
N LYS A 2 -11.53 7.85 2.06
CA LYS A 2 -11.91 7.62 0.67
C LYS A 2 -10.68 7.54 -0.24
N LYS A 3 -9.52 7.85 0.32
CA LYS A 3 -8.26 7.81 -0.43
C LYS A 3 -7.14 7.20 0.38
N VAL A 4 -7.47 6.59 1.52
CA VAL A 4 -6.46 5.92 2.33
C VAL A 4 -5.76 4.88 1.46
N SER A 5 -6.44 4.54 0.37
CA SER A 5 -5.95 3.59 -0.61
C SER A 5 -4.46 3.76 -0.87
N LYS A 6 -4.02 5.00 -0.76
CA LYS A 6 -2.61 5.34 -0.98
C LYS A 6 -1.75 4.61 0.06
N ARG A 7 -2.11 4.77 1.32
CA ARG A 7 -1.37 4.10 2.38
C ARG A 7 -1.51 2.59 2.22
N LEU A 8 -2.70 2.18 1.79
CA LEU A 8 -2.96 0.76 1.56
C LEU A 8 -2.09 0.26 0.42
N GLU A 9 -2.01 1.07 -0.64
CA GLU A 9 -1.20 0.71 -1.79
C GLU A 9 0.27 0.61 -1.38
N LYS A 10 0.65 1.34 -0.33
CA LYS A 10 2.01 1.30 0.17
C LYS A 10 2.31 -0.04 0.82
N LEU A 11 1.30 -0.58 1.51
CA LEU A 11 1.44 -1.86 2.19
C LEU A 11 1.52 -3.00 1.17
N PHE A 12 0.72 -2.90 0.11
CA PHE A 12 0.71 -3.92 -0.93
C PHE A 12 2.10 -4.08 -1.56
N SER A 13 2.84 -2.98 -1.61
CA SER A 13 4.18 -3.00 -2.18
C SER A 13 5.08 -3.96 -1.42
N LYS A 14 4.81 -4.10 -0.12
CA LYS A 14 5.59 -4.99 0.73
C LYS A 14 5.41 -6.44 0.31
N ILE A 15 4.19 -6.79 -0.10
CA ILE A 15 3.88 -8.15 -0.52
C ILE A 15 4.50 -8.45 -1.88
N GLN A 16 4.63 -7.42 -2.70
CA GLN A 16 5.21 -7.58 -4.04
C GLN A 16 6.73 -7.39 -4.00
N ASN A 17 7.16 -6.17 -3.70
CA ASN A 17 8.58 -5.86 -3.63
C ASN A 17 9.15 -6.22 -2.25
N ASP A 18 10.38 -5.79 -2.00
CA ASP A 18 11.03 -6.06 -0.72
C ASP A 18 10.84 -4.90 0.26
N LYS A 19 9.73 -4.19 0.13
CA LYS A 19 9.43 -3.06 1.00
C LYS A 19 9.08 -3.55 2.40
N ALA A 1 -11.75 12.32 1.90
CA ALA A 1 -10.53 11.51 2.12
C ALA A 1 -10.79 10.03 1.84
N LYS A 2 -11.10 9.72 0.58
CA LYS A 2 -11.38 8.35 0.18
C LYS A 2 -10.14 7.71 -0.45
N LYS A 3 -8.98 8.04 0.08
CA LYS A 3 -7.71 7.51 -0.42
C LYS A 3 -7.00 6.67 0.62
N VAL A 4 -7.75 6.18 1.61
CA VAL A 4 -7.16 5.31 2.63
C VAL A 4 -6.49 4.15 1.92
N SER A 5 -6.92 3.94 0.68
CA SER A 5 -6.39 2.90 -0.18
C SER A 5 -4.86 2.87 -0.12
N LYS A 6 -4.28 4.04 0.11
CA LYS A 6 -2.84 4.18 0.22
C LYS A 6 -2.32 3.31 1.34
N ARG A 7 -3.05 3.27 2.45
CA ARG A 7 -2.66 2.44 3.58
C ARG A 7 -2.61 0.98 3.15
N LEU A 8 -3.68 0.52 2.52
CA LEU A 8 -3.73 -0.86 2.04
C LEU A 8 -2.66 -1.06 0.98
N GLU A 9 -2.52 -0.06 0.12
CA GLU A 9 -1.51 -0.11 -0.94
C GLU A 9 -0.12 -0.15 -0.32
N LYS A 10 0.00 0.44 0.86
CA LYS A 10 1.28 0.47 1.57
C LYS A 10 1.68 -0.94 2.01
N LEU A 11 0.67 -1.72 2.41
CA LEU A 11 0.90 -3.09 2.85
C LEU A 11 1.28 -3.98 1.67
N PHE A 12 0.60 -3.80 0.55
CA PHE A 12 0.87 -4.59 -0.65
C PHE A 12 2.18 -4.14 -1.31
N SER A 13 2.42 -2.83 -1.30
CA SER A 13 3.64 -2.30 -1.90
C SER A 13 4.88 -2.95 -1.29
N LYS A 14 4.78 -3.34 -0.03
CA LYS A 14 5.87 -3.98 0.67
C LYS A 14 6.23 -5.31 0.01
N ILE A 15 5.21 -6.04 -0.42
CA ILE A 15 5.41 -7.33 -1.06
C ILE A 15 5.90 -7.16 -2.50
N GLN A 16 5.83 -5.94 -3.02
CA GLN A 16 6.26 -5.67 -4.39
C GLN A 16 7.65 -5.02 -4.42
N ASN A 17 7.71 -3.73 -4.08
CA ASN A 17 8.97 -2.99 -4.08
C ASN A 17 9.86 -3.43 -2.92
N ASP A 18 9.24 -3.69 -1.77
CA ASP A 18 9.98 -4.11 -0.59
C ASP A 18 10.10 -5.64 -0.52
N LYS A 19 10.52 -6.24 -1.62
CA LYS A 19 10.68 -7.69 -1.69
C LYS A 19 11.96 -8.13 -1.01
#